data_2DGJ
#
_entry.id   2DGJ
#
_cell.length_a   45.265
_cell.length_b   161.848
_cell.length_c   133.366
_cell.angle_alpha   90.00
_cell.angle_beta   90.00
_cell.angle_gamma   90.00
#
_symmetry.space_group_name_H-M   'C 2 2 21'
#
loop_
_entity.id
_entity.type
_entity.pdbx_description
1 polymer 'hypothetical protein ebhA'
2 non-polymer 'SULFATE ION'
3 non-polymer 'ACETIC ACID'
4 non-polymer GLYCEROL
5 water water
#
_entity_poly.entity_id   1
_entity_poly.type   'polypeptide(L)'
_entity_poly.pdbx_seq_one_letter_code
;(MSE)A(MSE)GQLQHGIDDENATKQTQKYRDAEQSKKTAYDQAVAAAKAILNKQTGSNSDKAAVDRALQQVTSTKDALN
GDAKLAEAKAAARQNLGTLNHITNAQRTALEGQINQATTVDGVNTVKTNANTLDGA(MSE)NSLQGAINDKDATLRNQNY
LDADESKRNAYTQAVTAAEGILNKQTGGNTSKADVDNALNAVTRAKAALNGAENLRNAKTSATNTINGLPNLTQLQKDNL
KHQVEQAQNVVGVNGVKDKGNLEHHHHHH
;
_entity_poly.pdbx_strand_id   A,B
#
# COMPACT_ATOMS: atom_id res chain seq x y z
N ALA A 2 14.17 -41.45 8.85
CA ALA A 2 14.12 -39.99 9.13
C ALA A 2 12.75 -39.59 9.68
N GLY A 4 11.58 -38.93 12.33
CA GLY A 4 11.63 -37.80 13.24
C GLY A 4 11.79 -36.47 12.52
N GLN A 5 12.64 -36.45 11.49
CA GLN A 5 12.88 -35.25 10.72
C GLN A 5 11.59 -34.73 10.10
N LEU A 6 10.75 -35.64 9.63
CA LEU A 6 9.48 -35.29 9.01
C LEU A 6 8.56 -34.65 10.06
N GLN A 7 8.55 -35.25 11.25
CA GLN A 7 7.73 -34.74 12.35
C GLN A 7 8.23 -33.34 12.68
N HIS A 8 9.54 -33.15 12.58
CA HIS A 8 10.17 -31.87 12.84
C HIS A 8 9.67 -30.82 11.86
N GLY A 9 9.61 -31.19 10.58
CA GLY A 9 9.12 -30.29 9.55
C GLY A 9 7.70 -29.84 9.87
N ILE A 10 6.87 -30.78 10.32
CA ILE A 10 5.48 -30.48 10.66
C ILE A 10 5.42 -29.58 11.90
N ASP A 11 6.25 -29.87 12.89
CA ASP A 11 6.27 -29.09 14.12
C ASP A 11 6.66 -27.65 13.87
N ASP A 12 7.59 -27.47 12.94
CA ASP A 12 8.11 -26.15 12.63
C ASP A 12 7.24 -25.29 11.72
N GLU A 13 6.10 -25.82 11.30
CA GLU A 13 5.20 -25.07 10.43
C GLU A 13 4.81 -23.71 10.99
N ASN A 14 4.06 -23.71 12.10
CA ASN A 14 3.62 -22.46 12.71
C ASN A 14 4.75 -21.46 12.89
N ALA A 15 5.89 -21.94 13.38
CA ALA A 15 7.04 -21.07 13.60
C ALA A 15 7.53 -20.49 12.27
N THR A 16 7.68 -21.35 11.28
CA THR A 16 8.14 -20.94 9.96
C THR A 16 7.20 -19.90 9.38
N LYS A 17 5.90 -20.08 9.62
CA LYS A 17 4.89 -19.17 9.11
C LYS A 17 4.86 -17.82 9.81
N GLN A 18 5.50 -17.74 10.98
CA GLN A 18 5.54 -16.50 11.73
C GLN A 18 6.70 -15.64 11.27
N THR A 19 7.65 -16.27 10.56
CA THR A 19 8.83 -15.57 10.09
C THR A 19 8.58 -14.68 8.87
N GLN A 20 9.42 -13.67 8.73
CA GLN A 20 9.36 -12.72 7.63
C GLN A 20 9.78 -13.44 6.34
N LYS A 21 10.64 -14.43 6.48
CA LYS A 21 11.11 -15.19 5.33
C LYS A 21 9.93 -15.84 4.60
N TYR A 22 8.95 -16.29 5.38
CA TYR A 22 7.76 -16.92 4.83
C TYR A 22 6.76 -15.83 4.44
N ARG A 23 6.40 -15.01 5.41
CA ARG A 23 5.46 -13.90 5.26
C ARG A 23 5.56 -13.17 3.92
N ASP A 24 6.71 -12.56 3.65
CA ASP A 24 6.91 -11.81 2.42
C ASP A 24 7.38 -12.61 1.21
N ALA A 25 7.45 -13.93 1.33
CA ALA A 25 7.86 -14.76 0.21
C ALA A 25 6.78 -14.63 -0.86
N GLU A 26 7.10 -15.06 -2.08
CA GLU A 26 6.12 -14.98 -3.17
C GLU A 26 5.01 -15.98 -2.88
N GLN A 27 3.79 -15.59 -3.18
CA GLN A 27 2.60 -16.43 -2.94
C GLN A 27 2.82 -17.91 -3.25
N SER A 28 3.21 -18.20 -4.49
CA SER A 28 3.43 -19.57 -4.92
C SER A 28 4.38 -20.35 -4.01
N LYS A 29 5.43 -19.68 -3.53
CA LYS A 29 6.41 -20.34 -2.67
C LYS A 29 5.81 -20.60 -1.28
N LYS A 30 4.97 -19.68 -0.82
CA LYS A 30 4.32 -19.83 0.47
C LYS A 30 3.32 -20.99 0.40
N THR A 31 2.62 -21.08 -0.73
CA THR A 31 1.63 -22.12 -0.94
C THR A 31 2.28 -23.51 -1.08
N ALA A 32 3.36 -23.58 -1.85
CA ALA A 32 4.05 -24.85 -2.06
C ALA A 32 4.51 -25.42 -0.71
N TYR A 33 5.06 -24.56 0.14
CA TYR A 33 5.52 -24.98 1.46
C TYR A 33 4.33 -25.47 2.26
N ASP A 34 3.28 -24.66 2.31
CA ASP A 34 2.08 -25.02 3.04
C ASP A 34 1.50 -26.36 2.59
N GLN A 35 1.52 -26.59 1.28
CA GLN A 35 1.00 -27.85 0.73
C GLN A 35 1.92 -29.03 1.05
N ALA A 36 3.20 -28.75 1.24
CA ALA A 36 4.16 -29.80 1.56
C ALA A 36 3.90 -30.27 2.99
N VAL A 37 3.67 -29.31 3.88
CA VAL A 37 3.41 -29.61 5.28
C VAL A 37 2.13 -30.45 5.40
N ALA A 38 1.08 -30.02 4.71
CA ALA A 38 -0.19 -30.73 4.74
C ALA A 38 0.02 -32.15 4.23
N ALA A 39 0.80 -32.28 3.17
CA ALA A 39 1.09 -33.58 2.59
C ALA A 39 1.84 -34.44 3.62
N ALA A 40 2.82 -33.84 4.29
CA ALA A 40 3.63 -34.53 5.29
C ALA A 40 2.76 -35.10 6.39
N LYS A 41 1.86 -34.28 6.93
CA LYS A 41 0.98 -34.72 8.00
C LYS A 41 0.24 -35.98 7.58
N ALA A 42 -0.38 -35.93 6.41
CA ALA A 42 -1.15 -37.06 5.89
C ALA A 42 -0.27 -38.30 5.75
N ILE A 43 0.90 -38.12 5.15
CA ILE A 43 1.84 -39.22 4.96
C ILE A 43 2.31 -39.78 6.30
N LEU A 44 2.61 -38.91 7.25
CA LEU A 44 3.07 -39.34 8.55
C LEU A 44 1.96 -40.13 9.26
N ASN A 45 0.72 -39.71 9.04
CA ASN A 45 -0.44 -40.36 9.65
C ASN A 45 -0.57 -41.81 9.16
N LYS A 46 -0.43 -42.01 7.85
CA LYS A 46 -0.53 -43.34 7.26
C LYS A 46 0.32 -44.37 7.98
N GLN A 47 1.54 -43.98 8.37
CA GLN A 47 2.43 -44.89 9.08
C GLN A 47 2.03 -45.06 10.54
N ASP A 53 8.03 -47.39 1.25
CA ASP A 53 7.17 -46.45 1.96
C ASP A 53 7.72 -46.11 3.32
N LYS A 54 8.94 -45.62 3.18
CA LYS A 54 9.81 -45.14 4.22
C LYS A 54 10.41 -44.11 3.29
N ALA A 55 10.38 -44.48 2.02
CA ALA A 55 10.85 -43.68 0.91
C ALA A 55 9.79 -42.62 0.71
N ALA A 56 8.57 -42.94 1.15
CA ALA A 56 7.45 -42.01 1.04
C ALA A 56 7.66 -40.93 2.10
N VAL A 57 8.19 -41.34 3.25
CA VAL A 57 8.44 -40.42 4.34
C VAL A 57 9.58 -39.48 3.98
N ASP A 58 10.56 -39.97 3.23
CA ASP A 58 11.70 -39.16 2.85
C ASP A 58 11.36 -38.17 1.74
N ARG A 59 10.54 -38.60 0.79
CA ARG A 59 10.14 -37.73 -0.30
C ARG A 59 9.33 -36.59 0.29
N ALA A 60 8.55 -36.91 1.33
CA ALA A 60 7.73 -35.92 2.01
C ALA A 60 8.64 -34.96 2.75
N LEU A 61 9.66 -35.49 3.41
CA LEU A 61 10.60 -34.68 4.15
C LEU A 61 11.34 -33.78 3.17
N GLN A 62 11.82 -34.38 2.09
CA GLN A 62 12.56 -33.64 1.08
C GLN A 62 11.75 -32.45 0.55
N GLN A 63 10.46 -32.65 0.35
CA GLN A 63 9.59 -31.58 -0.15
C GLN A 63 9.33 -30.48 0.87
N VAL A 64 9.27 -30.83 2.15
CA VAL A 64 9.07 -29.82 3.18
C VAL A 64 10.34 -28.99 3.33
N THR A 65 11.48 -29.66 3.26
CA THR A 65 12.77 -28.98 3.38
C THR A 65 13.05 -28.12 2.16
N SER A 66 12.70 -28.62 0.98
CA SER A 66 12.92 -27.89 -0.26
C SER A 66 12.07 -26.63 -0.36
N THR A 67 10.76 -26.79 -0.21
CA THR A 67 9.85 -25.64 -0.30
C THR A 67 10.18 -24.61 0.78
N LYS A 68 10.59 -25.08 1.95
CA LYS A 68 10.93 -24.14 3.01
C LYS A 68 12.16 -23.31 2.64
N ASP A 69 13.22 -23.97 2.20
CA ASP A 69 14.44 -23.27 1.82
C ASP A 69 14.13 -22.28 0.70
N ALA A 70 13.18 -22.66 -0.16
CA ALA A 70 12.79 -21.83 -1.29
C ALA A 70 12.12 -20.51 -0.89
N LEU A 71 11.52 -20.48 0.29
CA LEU A 71 10.88 -19.25 0.78
C LEU A 71 11.90 -18.13 0.60
N ASN A 72 11.50 -17.06 -0.09
CA ASN A 72 12.40 -15.96 -0.36
C ASN A 72 11.98 -14.61 0.19
N GLY A 73 11.22 -14.61 1.28
CA GLY A 73 10.78 -13.36 1.86
C GLY A 73 11.95 -12.46 2.19
N ASP A 74 13.03 -13.04 2.70
CA ASP A 74 14.23 -12.29 3.05
C ASP A 74 14.86 -11.64 1.83
N ALA A 75 14.85 -12.37 0.71
CA ALA A 75 15.42 -11.84 -0.54
C ALA A 75 14.54 -10.68 -1.00
N LYS A 76 13.24 -10.80 -0.76
CA LYS A 76 12.29 -9.77 -1.14
C LYS A 76 12.43 -8.53 -0.27
N LEU A 77 12.91 -8.74 0.96
CA LEU A 77 13.12 -7.63 1.89
C LEU A 77 14.32 -6.81 1.44
N ALA A 78 15.37 -7.50 1.02
CA ALA A 78 16.58 -6.84 0.56
C ALA A 78 16.26 -6.01 -0.68
N GLU A 79 15.44 -6.58 -1.56
CA GLU A 79 15.03 -5.91 -2.78
C GLU A 79 14.24 -4.65 -2.46
N ALA A 80 13.27 -4.79 -1.56
CA ALA A 80 12.44 -3.67 -1.16
C ALA A 80 13.28 -2.54 -0.58
N LYS A 81 14.21 -2.89 0.30
CA LYS A 81 15.09 -1.90 0.91
C LYS A 81 15.92 -1.21 -0.16
N ALA A 82 16.38 -1.99 -1.14
CA ALA A 82 17.18 -1.45 -2.22
C ALA A 82 16.34 -0.41 -2.98
N ALA A 83 15.08 -0.77 -3.22
CA ALA A 83 14.15 0.09 -3.93
C ALA A 83 13.93 1.39 -3.16
N ALA A 84 13.80 1.28 -1.84
CA ALA A 84 13.59 2.44 -1.00
C ALA A 84 14.80 3.36 -1.01
N ARG A 85 15.99 2.79 -0.93
CA ARG A 85 17.19 3.59 -0.92
C ARG A 85 17.33 4.33 -2.25
N GLN A 86 16.98 3.67 -3.33
CA GLN A 86 17.04 4.27 -4.66
C GLN A 86 16.10 5.45 -4.72
N ASN A 87 14.88 5.26 -4.20
CA ASN A 87 13.88 6.32 -4.19
C ASN A 87 14.29 7.46 -3.27
N LEU A 88 14.80 7.11 -2.09
CA LEU A 88 15.23 8.11 -1.12
C LEU A 88 16.23 9.11 -1.72
N GLY A 89 17.12 8.62 -2.56
CA GLY A 89 18.11 9.48 -3.17
C GLY A 89 17.60 10.47 -4.19
N THR A 90 16.33 10.35 -4.55
CA THR A 90 15.73 11.27 -5.54
C THR A 90 14.98 12.41 -4.87
N LEU A 91 14.90 12.37 -3.54
CA LEU A 91 14.23 13.41 -2.77
C LEU A 91 15.20 14.58 -2.56
N ASN A 92 15.04 15.63 -3.37
CA ASN A 92 15.91 16.80 -3.31
C ASN A 92 15.56 17.86 -2.27
N HIS A 93 14.57 17.61 -1.41
CA HIS A 93 14.19 18.63 -0.46
C HIS A 93 14.41 18.33 1.02
N ILE A 94 14.45 17.05 1.39
CA ILE A 94 14.68 16.71 2.78
C ILE A 94 16.10 17.11 3.20
N THR A 95 16.29 17.38 4.49
CA THR A 95 17.60 17.77 5.00
C THR A 95 18.43 16.52 5.23
N ASN A 96 19.73 16.69 5.38
CA ASN A 96 20.62 15.55 5.60
C ASN A 96 20.17 14.75 6.82
N ALA A 97 19.77 15.44 7.87
CA ALA A 97 19.33 14.76 9.09
C ALA A 97 18.09 13.92 8.81
N GLN A 98 17.19 14.47 7.99
CA GLN A 98 15.97 13.75 7.65
C GLN A 98 16.33 12.55 6.78
N ARG A 99 17.28 12.75 5.87
CA ARG A 99 17.70 11.70 4.97
C ARG A 99 18.32 10.50 5.71
N THR A 100 19.21 10.77 6.65
CA THR A 100 19.86 9.70 7.41
C THR A 100 18.88 8.96 8.30
N ALA A 101 17.87 9.67 8.80
CA ALA A 101 16.87 9.03 9.66
C ALA A 101 16.06 8.06 8.81
N LEU A 102 15.66 8.51 7.63
CA LEU A 102 14.90 7.68 6.70
C LEU A 102 15.76 6.49 6.29
N GLU A 103 17.01 6.77 5.95
CA GLU A 103 17.96 5.73 5.54
C GLU A 103 18.09 4.74 6.67
N GLY A 104 18.01 5.23 7.89
CA GLY A 104 18.12 4.37 9.06
C GLY A 104 16.89 3.51 9.24
N GLN A 105 15.72 4.12 9.07
CA GLN A 105 14.46 3.40 9.21
C GLN A 105 14.36 2.33 8.12
N ILE A 106 14.96 2.61 6.96
CA ILE A 106 14.94 1.65 5.85
C ILE A 106 15.78 0.45 6.26
N ASN A 107 16.97 0.72 6.79
CA ASN A 107 17.87 -0.36 7.20
C ASN A 107 17.31 -1.14 8.38
N GLN A 108 16.53 -0.47 9.23
CA GLN A 108 15.95 -1.11 10.40
C GLN A 108 14.63 -1.85 10.13
N ALA A 109 14.03 -1.61 8.97
CA ALA A 109 12.76 -2.25 8.62
C ALA A 109 12.92 -3.77 8.52
N THR A 110 12.00 -4.50 9.13
CA THR A 110 12.06 -5.96 9.12
C THR A 110 11.07 -6.62 8.15
N THR A 111 10.14 -5.84 7.60
CA THR A 111 9.17 -6.39 6.66
C THR A 111 9.08 -5.55 5.38
N VAL A 112 8.57 -6.16 4.32
CA VAL A 112 8.42 -5.46 3.05
C VAL A 112 7.42 -4.32 3.23
N ASP A 113 6.38 -4.56 4.02
CA ASP A 113 5.37 -3.55 4.28
C ASP A 113 5.99 -2.37 5.04
N GLY A 114 6.88 -2.69 5.98
CA GLY A 114 7.54 -1.66 6.75
C GLY A 114 8.39 -0.76 5.86
N VAL A 115 9.17 -1.39 4.97
CA VAL A 115 10.02 -0.64 4.05
C VAL A 115 9.19 0.32 3.21
N ASN A 116 8.20 -0.24 2.53
CA ASN A 116 7.33 0.57 1.68
C ASN A 116 6.69 1.69 2.48
N THR A 117 6.33 1.40 3.72
CA THR A 117 5.72 2.41 4.59
C THR A 117 6.75 3.52 4.81
N VAL A 118 8.01 3.14 4.95
CA VAL A 118 9.08 4.10 5.17
C VAL A 118 9.31 4.87 3.88
N LYS A 119 9.16 4.17 2.75
CA LYS A 119 9.35 4.81 1.46
C LYS A 119 8.23 5.82 1.25
N THR A 120 7.04 5.48 1.76
CA THR A 120 5.88 6.33 1.64
C THR A 120 6.02 7.61 2.46
N ASN A 121 6.47 7.47 3.71
CA ASN A 121 6.65 8.63 4.58
C ASN A 121 7.74 9.55 4.03
N ALA A 122 8.77 8.97 3.43
CA ALA A 122 9.87 9.74 2.86
C ALA A 122 9.39 10.67 1.74
N ASN A 123 8.52 10.15 0.88
CA ASN A 123 7.99 10.94 -0.22
C ASN A 123 7.06 12.03 0.30
N THR A 124 6.25 11.68 1.30
CA THR A 124 5.32 12.64 1.89
C THR A 124 6.10 13.80 2.54
N LEU A 125 7.10 13.45 3.35
CA LEU A 125 7.91 14.45 4.03
C LEU A 125 8.58 15.36 3.01
N ASP A 126 9.17 14.76 1.99
CA ASP A 126 9.84 15.52 0.93
C ASP A 126 8.83 16.44 0.25
N GLY A 127 7.61 15.92 0.05
CA GLY A 127 6.59 16.72 -0.59
C GLY A 127 6.26 17.95 0.24
N ALA A 128 6.19 17.76 1.55
CA ALA A 128 5.89 18.85 2.48
C ALA A 128 7.03 19.87 2.49
N ASN A 130 9.04 20.42 0.15
CA ASN A 130 8.97 21.10 -1.15
C ASN A 130 7.96 22.24 -1.05
N SER A 131 6.85 21.99 -0.38
CA SER A 131 5.81 22.99 -0.22
C SER A 131 6.30 24.15 0.64
N LEU A 132 6.98 23.84 1.72
CA LEU A 132 7.50 24.85 2.62
C LEU A 132 8.53 25.71 1.90
N GLN A 133 9.30 25.06 1.03
CA GLN A 133 10.33 25.76 0.26
C GLN A 133 9.67 26.73 -0.72
N GLY A 134 8.58 26.28 -1.35
CA GLY A 134 7.90 27.13 -2.30
C GLY A 134 7.22 28.31 -1.64
N ALA A 135 6.70 28.11 -0.43
CA ALA A 135 6.02 29.16 0.30
C ALA A 135 6.93 30.36 0.59
N ILE A 136 8.24 30.13 0.62
CA ILE A 136 9.17 31.22 0.92
C ILE A 136 10.14 31.54 -0.22
N ASN A 137 9.84 31.10 -1.44
CA ASN A 137 10.73 31.39 -2.56
C ASN A 137 10.64 32.86 -2.99
N ASP A 138 9.57 33.53 -2.54
CA ASP A 138 9.40 34.94 -2.87
C ASP A 138 9.70 35.79 -1.65
N LYS A 139 10.48 35.23 -0.72
CA LYS A 139 10.87 35.91 0.52
C LYS A 139 11.42 37.30 0.31
N ASP A 140 12.58 37.40 -0.32
CA ASP A 140 13.23 38.67 -0.57
C ASP A 140 12.34 39.72 -1.24
N ALA A 141 11.61 39.30 -2.26
CA ALA A 141 10.73 40.21 -2.99
C ALA A 141 9.64 40.76 -2.06
N THR A 142 9.02 39.86 -1.29
CA THR A 142 7.97 40.25 -0.36
C THR A 142 8.46 41.28 0.65
N LEU A 143 9.68 41.08 1.13
CA LEU A 143 10.29 41.98 2.10
C LEU A 143 10.54 43.38 1.56
N ARG A 144 10.80 43.49 0.26
CA ARG A 144 11.08 44.77 -0.36
C ARG A 144 9.81 45.43 -0.87
N ASN A 145 8.68 44.74 -0.76
CA ASN A 145 7.41 45.28 -1.25
C ASN A 145 6.67 46.12 -0.22
N GLN A 146 6.01 47.18 -0.70
CA GLN A 146 5.27 48.10 0.15
C GLN A 146 4.21 47.40 1.01
N ASN A 147 3.67 46.29 0.53
CA ASN A 147 2.65 45.56 1.27
C ASN A 147 3.22 44.97 2.55
N TYR A 148 4.51 44.65 2.55
CA TYR A 148 5.16 44.11 3.73
C TYR A 148 5.66 45.28 4.56
N LEU A 149 6.40 46.16 3.91
CA LEU A 149 6.97 47.35 4.54
C LEU A 149 5.99 48.19 5.34
N ASP A 150 4.83 48.51 4.74
CA ASP A 150 3.84 49.31 5.44
C ASP A 150 2.82 48.47 6.19
N ALA A 151 3.14 47.21 6.42
CA ALA A 151 2.24 46.33 7.16
C ALA A 151 2.40 46.63 8.63
N ASP A 152 1.37 46.40 9.43
CA ASP A 152 1.46 46.65 10.86
C ASP A 152 2.72 45.94 11.36
N GLU A 153 3.48 46.61 12.22
CA GLU A 153 4.71 46.03 12.75
C GLU A 153 4.56 44.60 13.26
N SER A 154 3.46 44.31 13.95
CA SER A 154 3.24 42.97 14.48
C SER A 154 3.12 41.97 13.34
N LYS A 155 2.50 42.40 12.25
CA LYS A 155 2.33 41.54 11.08
C LYS A 155 3.67 41.32 10.39
N ARG A 156 4.46 42.38 10.23
CA ARG A 156 5.77 42.26 9.58
C ARG A 156 6.65 41.29 10.38
N ASN A 157 6.56 41.39 11.70
CA ASN A 157 7.35 40.54 12.58
C ASN A 157 6.92 39.09 12.51
N ALA A 158 5.62 38.86 12.38
CA ALA A 158 5.09 37.51 12.30
C ALA A 158 5.60 36.82 11.04
N TYR A 159 5.68 37.58 9.96
CA TYR A 159 6.14 37.05 8.68
C TYR A 159 7.64 36.73 8.73
N THR A 160 8.43 37.68 9.21
CA THR A 160 9.87 37.50 9.31
C THR A 160 10.18 36.27 10.17
N GLN A 161 9.39 36.08 11.21
CA GLN A 161 9.59 34.96 12.12
C GLN A 161 9.29 33.66 11.38
N ALA A 162 8.10 33.60 10.77
CA ALA A 162 7.69 32.41 10.03
C ALA A 162 8.75 31.94 9.05
N VAL A 163 9.22 32.85 8.20
CA VAL A 163 10.25 32.51 7.21
C VAL A 163 11.55 32.08 7.89
N THR A 164 11.91 32.77 8.97
CA THR A 164 13.12 32.44 9.70
C THR A 164 13.08 30.98 10.13
N ALA A 165 11.96 30.60 10.74
CA ALA A 165 11.78 29.21 11.20
C ALA A 165 11.82 28.29 9.99
N ALA A 166 11.09 28.66 8.95
CA ALA A 166 11.05 27.88 7.72
C ALA A 166 12.46 27.61 7.18
N GLU A 167 13.26 28.67 7.10
CA GLU A 167 14.62 28.56 6.60
C GLU A 167 15.46 27.62 7.47
N GLY A 168 15.22 27.65 8.77
CA GLY A 168 15.96 26.78 9.67
C GLY A 168 15.62 25.32 9.42
N ILE A 169 14.34 25.05 9.17
CA ILE A 169 13.86 23.71 8.88
C ILE A 169 14.37 23.25 7.51
N LEU A 170 14.45 24.19 6.58
CA LEU A 170 14.88 23.90 5.21
C LEU A 170 16.36 23.64 5.00
N ASN A 171 17.22 24.36 5.73
CA ASN A 171 18.67 24.18 5.57
C ASN A 171 19.05 22.70 5.63
N LYS A 172 19.48 22.17 4.50
CA LYS A 172 19.84 20.76 4.40
C LYS A 172 21.05 20.38 5.26
N GLN A 173 21.99 21.30 5.41
CA GLN A 173 23.19 21.03 6.19
C GLN A 173 22.99 21.08 7.70
N THR A 174 22.17 22.01 8.18
CA THR A 174 21.97 22.14 9.61
C THR A 174 20.55 21.86 10.09
N GLY A 175 19.62 21.74 9.16
CA GLY A 175 18.25 21.48 9.52
C GLY A 175 18.10 20.10 10.14
N GLY A 176 17.42 20.01 11.28
CA GLY A 176 17.25 18.74 11.96
C GLY A 176 16.23 17.82 11.29
N ASN A 177 15.99 16.66 11.90
CA ASN A 177 15.06 15.69 11.37
C ASN A 177 13.63 16.11 11.72
N THR A 178 13.24 17.28 11.22
CA THR A 178 11.90 17.81 11.48
C THR A 178 10.82 16.84 11.02
N SER A 179 9.73 16.77 11.76
CA SER A 179 8.64 15.86 11.41
C SER A 179 7.70 16.49 10.39
N LYS A 180 6.89 15.64 9.77
CA LYS A 180 5.89 16.06 8.79
C LYS A 180 4.97 17.10 9.41
N ALA A 181 4.50 16.81 10.62
CA ALA A 181 3.60 17.70 11.33
C ALA A 181 4.19 19.08 11.55
N ASP A 182 5.47 19.14 11.93
CA ASP A 182 6.13 20.42 12.15
C ASP A 182 6.36 21.16 10.84
N VAL A 183 6.70 20.42 9.79
CA VAL A 183 6.92 21.03 8.49
C VAL A 183 5.61 21.72 8.11
N ASP A 184 4.51 20.99 8.25
CA ASP A 184 3.20 21.54 7.93
C ASP A 184 2.88 22.74 8.81
N ASN A 185 3.29 22.68 10.08
CA ASN A 185 3.03 23.79 10.98
C ASN A 185 3.79 25.01 10.48
N ALA A 186 5.03 24.78 10.05
CA ALA A 186 5.89 25.85 9.53
C ALA A 186 5.28 26.42 8.26
N LEU A 187 4.80 25.53 7.39
CA LEU A 187 4.19 25.97 6.14
C LEU A 187 3.01 26.90 6.39
N ASN A 188 2.09 26.45 7.24
CA ASN A 188 0.92 27.25 7.57
C ASN A 188 1.33 28.60 8.13
N ALA A 189 2.39 28.61 8.92
CA ALA A 189 2.91 29.83 9.54
C ALA A 189 3.24 30.86 8.48
N VAL A 190 4.00 30.45 7.48
CA VAL A 190 4.41 31.34 6.39
C VAL A 190 3.20 31.83 5.61
N THR A 191 2.35 30.89 5.17
CA THR A 191 1.17 31.19 4.39
C THR A 191 0.24 32.21 5.06
N ARG A 192 -0.15 31.95 6.30
CA ARG A 192 -1.04 32.85 7.01
C ARG A 192 -0.41 34.19 7.38
N ALA A 193 0.87 34.18 7.73
CA ALA A 193 1.57 35.41 8.08
C ALA A 193 1.71 36.31 6.86
N LYS A 194 2.02 35.71 5.73
CA LYS A 194 2.19 36.45 4.48
C LYS A 194 0.88 37.02 3.97
N ALA A 195 -0.18 36.22 4.08
CA ALA A 195 -1.50 36.65 3.63
C ALA A 195 -2.05 37.71 4.57
N ALA A 196 -1.37 37.91 5.69
CA ALA A 196 -1.79 38.88 6.69
C ALA A 196 -1.22 40.28 6.41
N LEU A 197 -0.06 40.35 5.75
CA LEU A 197 0.56 41.64 5.44
C LEU A 197 -0.52 42.59 4.91
N ASN A 198 -0.63 43.77 5.52
CA ASN A 198 -1.68 44.71 5.13
C ASN A 198 -1.19 46.11 4.73
N GLY A 199 0.05 46.20 4.28
CA GLY A 199 0.59 47.49 3.88
C GLY A 199 -0.29 48.14 2.82
N ALA A 200 -0.81 47.33 1.91
CA ALA A 200 -1.67 47.82 0.84
C ALA A 200 -2.91 48.50 1.43
N GLU A 201 -3.52 47.86 2.42
CA GLU A 201 -4.71 48.41 3.05
C GLU A 201 -4.40 49.62 3.93
N ASN A 202 -3.27 49.59 4.64
CA ASN A 202 -2.91 50.72 5.48
C ASN A 202 -2.70 51.99 4.66
N LEU A 203 -2.18 51.83 3.45
CA LEU A 203 -1.93 52.97 2.57
C LEU A 203 -3.23 53.57 2.06
N ARG A 204 -4.19 52.71 1.72
CA ARG A 204 -5.49 53.17 1.22
C ARG A 204 -6.19 53.97 2.33
N ASN A 205 -6.20 53.44 3.55
CA ASN A 205 -6.81 54.12 4.68
C ASN A 205 -6.03 55.38 5.02
N ALA A 206 -4.71 55.30 4.90
CA ALA A 206 -3.85 56.43 5.20
C ALA A 206 -4.18 57.61 4.29
N LYS A 207 -4.31 57.32 3.00
CA LYS A 207 -4.61 58.34 2.01
C LYS A 207 -6.00 58.95 2.23
N THR A 208 -6.94 58.11 2.68
CA THR A 208 -8.30 58.57 2.91
C THR A 208 -8.40 59.54 4.08
N SER A 209 -7.81 59.16 5.22
CA SER A 209 -7.87 60.00 6.41
C SER A 209 -7.06 61.28 6.22
N ALA A 210 -5.94 61.16 5.51
CA ALA A 210 -5.08 62.31 5.26
C ALA A 210 -5.78 63.30 4.34
N THR A 211 -6.49 62.79 3.34
CA THR A 211 -7.21 63.64 2.39
C THR A 211 -8.37 64.35 3.08
N ASN A 212 -9.09 63.62 3.91
CA ASN A 212 -10.22 64.20 4.62
C ASN A 212 -9.75 65.20 5.67
N THR A 213 -8.59 64.94 6.27
CA THR A 213 -8.05 65.85 7.28
C THR A 213 -7.60 67.15 6.61
N ILE A 214 -6.93 67.03 5.46
CA ILE A 214 -6.46 68.21 4.75
C ILE A 214 -7.65 69.08 4.33
N ASN A 215 -8.69 68.45 3.80
CA ASN A 215 -9.88 69.18 3.35
C ASN A 215 -10.49 70.01 4.46
N GLY A 216 -10.35 69.54 5.71
CA GLY A 216 -10.93 70.25 6.83
C GLY A 216 -10.04 71.22 7.58
N LEU A 217 -8.82 71.43 7.11
CA LEU A 217 -7.91 72.36 7.76
C LEU A 217 -8.29 73.82 7.52
N PRO A 218 -8.27 74.64 8.59
CA PRO A 218 -8.62 76.06 8.54
C PRO A 218 -7.54 77.00 8.00
N ASN A 219 -6.28 76.57 8.11
CA ASN A 219 -5.14 77.37 7.67
C ASN A 219 -4.80 77.24 6.18
N LEU A 220 -5.57 76.45 5.46
CA LEU A 220 -5.31 76.25 4.03
C LEU A 220 -6.33 76.83 3.07
N THR A 221 -5.84 77.39 1.97
CA THR A 221 -6.72 77.93 0.95
C THR A 221 -7.19 76.68 0.21
N GLN A 222 -8.22 76.79 -0.61
CA GLN A 222 -8.72 75.62 -1.31
C GLN A 222 -7.71 75.00 -2.28
N LEU A 223 -7.04 75.84 -3.07
CA LEU A 223 -6.05 75.32 -4.02
C LEU A 223 -4.85 74.71 -3.31
N GLN A 224 -4.55 75.20 -2.11
CA GLN A 224 -3.43 74.65 -1.34
C GLN A 224 -3.83 73.23 -0.96
N LYS A 225 -5.13 73.06 -0.67
CA LYS A 225 -5.65 71.76 -0.31
C LYS A 225 -5.59 70.84 -1.51
N ASP A 226 -5.84 71.38 -2.70
CA ASP A 226 -5.80 70.58 -3.92
C ASP A 226 -4.39 70.05 -4.12
N ASN A 227 -3.41 70.95 -4.08
CA ASN A 227 -2.02 70.57 -4.23
C ASN A 227 -1.66 69.41 -3.29
N LEU A 228 -1.85 69.64 -1.99
CA LEU A 228 -1.55 68.64 -0.98
C LEU A 228 -2.32 67.34 -1.21
N LYS A 229 -3.61 67.47 -1.55
CA LYS A 229 -4.43 66.30 -1.79
C LYS A 229 -3.87 65.48 -2.96
N HIS A 230 -3.35 66.18 -3.96
CA HIS A 230 -2.76 65.52 -5.12
C HIS A 230 -1.46 64.84 -4.70
N GLN A 231 -0.72 65.49 -3.81
CA GLN A 231 0.53 64.92 -3.32
C GLN A 231 0.25 63.63 -2.56
N VAL A 232 -0.91 63.58 -1.90
CA VAL A 232 -1.32 62.40 -1.16
C VAL A 232 -1.69 61.32 -2.17
N GLU A 233 -2.34 61.73 -3.24
CA GLU A 233 -2.77 60.84 -4.30
C GLU A 233 -1.59 60.11 -4.94
N GLN A 234 -0.47 60.83 -5.09
CA GLN A 234 0.71 60.24 -5.72
C GLN A 234 1.68 59.54 -4.76
N ALA A 235 1.47 59.73 -3.46
CA ALA A 235 2.34 59.10 -2.47
C ALA A 235 2.32 57.58 -2.66
N GLN A 236 3.47 56.95 -2.46
CA GLN A 236 3.57 55.50 -2.64
C GLN A 236 3.54 54.68 -1.36
N ASN A 237 3.73 55.33 -0.22
CA ASN A 237 3.69 54.62 1.06
C ASN A 237 3.13 55.51 2.16
N VAL A 238 2.82 54.90 3.31
CA VAL A 238 2.24 55.62 4.43
C VAL A 238 3.00 56.88 4.88
N VAL A 239 4.29 56.72 5.20
CA VAL A 239 5.07 57.87 5.66
C VAL A 239 5.04 58.98 4.62
N GLY A 240 4.99 58.60 3.35
CA GLY A 240 4.96 59.58 2.29
C GLY A 240 3.68 60.39 2.39
N VAL A 241 2.58 59.69 2.69
CA VAL A 241 1.27 60.33 2.84
C VAL A 241 1.28 61.27 4.04
N ASN A 242 1.71 60.76 5.17
CA ASN A 242 1.77 61.52 6.41
C ASN A 242 2.72 62.72 6.35
N GLY A 243 3.71 62.65 5.46
CA GLY A 243 4.64 63.75 5.33
C GLY A 243 3.91 64.94 4.70
N VAL A 244 3.04 64.63 3.75
CA VAL A 244 2.24 65.64 3.07
C VAL A 244 1.24 66.24 4.04
N LYS A 245 0.58 65.38 4.81
CA LYS A 245 -0.41 65.83 5.78
C LYS A 245 0.24 66.80 6.76
N ASP A 246 1.41 66.43 7.29
CA ASP A 246 2.11 67.28 8.24
C ASP A 246 2.45 68.62 7.60
N LYS A 247 2.87 68.56 6.33
CA LYS A 247 3.22 69.78 5.62
C LYS A 247 2.00 70.67 5.55
N GLY A 248 0.83 70.06 5.50
CA GLY A 248 -0.41 70.82 5.43
C GLY A 248 -0.78 71.45 6.75
N ASN A 249 -0.42 70.79 7.86
CA ASN A 249 -0.74 71.31 9.19
C ASN A 249 0.16 72.46 9.65
N LEU A 250 1.34 72.58 9.04
CA LEU A 250 2.27 73.64 9.40
C LEU A 250 2.15 74.83 8.45
N GLU A 251 1.46 74.62 7.33
CA GLU A 251 1.29 75.67 6.34
C GLU A 251 0.45 76.86 6.78
N HIS A 252 0.99 78.05 6.60
CA HIS A 252 0.33 79.29 6.97
C HIS A 252 0.73 80.36 5.96
N GLY B 4 -17.98 38.01 1.29
CA GLY B 4 -19.11 37.04 1.43
C GLY B 4 -18.92 35.80 0.58
N GLN B 5 -18.44 36.00 -0.64
CA GLN B 5 -18.20 34.90 -1.55
C GLN B 5 -16.98 34.12 -1.06
N LEU B 6 -16.04 34.85 -0.48
CA LEU B 6 -14.80 34.27 0.03
C LEU B 6 -15.05 33.42 1.28
N GLN B 7 -15.94 33.89 2.15
CA GLN B 7 -16.25 33.14 3.37
C GLN B 7 -16.99 31.85 3.01
N HIS B 8 -17.72 31.89 1.91
CA HIS B 8 -18.45 30.72 1.44
C HIS B 8 -17.44 29.67 1.02
N GLY B 9 -16.45 30.09 0.23
CA GLY B 9 -15.42 29.17 -0.22
C GLY B 9 -14.63 28.62 0.95
N ILE B 10 -14.56 29.39 2.03
CA ILE B 10 -13.83 28.97 3.22
C ILE B 10 -14.65 28.01 4.06
N ASP B 11 -15.92 28.35 4.29
CA ASP B 11 -16.78 27.49 5.10
C ASP B 11 -17.17 26.25 4.32
N ASP B 12 -16.61 26.09 3.13
CA ASP B 12 -16.90 24.95 2.28
C ASP B 12 -15.68 24.06 2.11
N GLU B 13 -14.61 24.35 2.85
CA GLU B 13 -13.39 23.58 2.79
C GLU B 13 -13.58 22.13 3.22
N ASN B 14 -14.18 21.94 4.38
CA ASN B 14 -14.39 20.59 4.91
C ASN B 14 -15.31 19.75 4.03
N ALA B 15 -16.37 20.37 3.52
CA ALA B 15 -17.30 19.67 2.65
C ALA B 15 -16.60 19.35 1.34
N THR B 16 -15.34 19.77 1.25
CA THR B 16 -14.52 19.53 0.07
C THR B 16 -13.48 18.46 0.38
N LYS B 17 -13.01 18.42 1.62
CA LYS B 17 -12.01 17.45 2.03
C LYS B 17 -12.60 16.06 2.27
N GLN B 18 -13.93 15.97 2.29
CA GLN B 18 -14.58 14.68 2.50
C GLN B 18 -14.66 13.94 1.18
N THR B 19 -14.81 14.70 0.10
CA THR B 19 -14.92 14.14 -1.24
C THR B 19 -13.69 13.32 -1.65
N GLN B 20 -13.92 12.37 -2.54
CA GLN B 20 -12.87 11.49 -3.04
C GLN B 20 -11.93 12.28 -3.96
N LYS B 21 -12.48 13.30 -4.61
CA LYS B 21 -11.69 14.13 -5.52
C LYS B 21 -10.55 14.80 -4.76
N TYR B 22 -10.76 15.03 -3.46
CA TYR B 22 -9.74 15.65 -2.63
C TYR B 22 -8.82 14.59 -2.01
N ARG B 23 -9.44 13.64 -1.32
CA ARG B 23 -8.69 12.58 -0.65
C ARG B 23 -7.68 11.85 -1.51
N ASP B 24 -8.05 11.53 -2.75
CA ASP B 24 -7.13 10.82 -3.64
C ASP B 24 -6.34 11.73 -4.57
N ALA B 25 -6.41 13.03 -4.34
CA ALA B 25 -5.68 13.97 -5.17
C ALA B 25 -4.20 13.91 -4.78
N GLU B 26 -3.33 14.39 -5.68
CA GLU B 26 -1.89 14.40 -5.41
C GLU B 26 -1.61 15.27 -4.18
N GLN B 27 -0.62 14.87 -3.39
CA GLN B 27 -0.26 15.60 -2.19
C GLN B 27 -0.17 17.10 -2.45
N SER B 28 0.61 17.47 -3.46
CA SER B 28 0.80 18.87 -3.82
C SER B 28 -0.54 19.56 -4.08
N LYS B 29 -1.43 18.90 -4.78
CA LYS B 29 -2.73 19.46 -5.10
C LYS B 29 -3.54 19.71 -3.82
N LYS B 30 -3.44 18.78 -2.88
CA LYS B 30 -4.16 18.89 -1.61
C LYS B 30 -3.65 20.04 -0.75
N THR B 31 -2.34 20.10 -0.55
CA THR B 31 -1.75 21.16 0.27
C THR B 31 -2.00 22.53 -0.36
N ALA B 32 -1.89 22.59 -1.68
CA ALA B 32 -2.11 23.84 -2.42
C ALA B 32 -3.50 24.35 -2.08
N TYR B 33 -4.44 23.44 -1.93
CA TYR B 33 -5.82 23.81 -1.61
C TYR B 33 -5.96 24.25 -0.16
N ASP B 34 -5.39 23.47 0.75
CA ASP B 34 -5.47 23.79 2.19
C ASP B 34 -4.89 25.18 2.44
N GLN B 35 -3.72 25.42 1.87
CA GLN B 35 -3.03 26.69 2.05
C GLN B 35 -3.79 27.85 1.42
N ALA B 36 -4.52 27.58 0.33
CA ALA B 36 -5.31 28.60 -0.34
C ALA B 36 -6.39 29.06 0.63
N VAL B 37 -6.93 28.11 1.40
CA VAL B 37 -7.97 28.41 2.37
C VAL B 37 -7.38 29.15 3.57
N ALA B 38 -6.21 28.70 4.02
CA ALA B 38 -5.55 29.31 5.15
C ALA B 38 -5.31 30.77 4.84
N ALA B 39 -4.84 31.04 3.63
CA ALA B 39 -4.57 32.40 3.19
C ALA B 39 -5.87 33.20 3.14
N ALA B 40 -6.91 32.59 2.60
CA ALA B 40 -8.21 33.24 2.47
C ALA B 40 -8.69 33.78 3.80
N LYS B 41 -8.54 32.99 4.86
CA LYS B 41 -8.97 33.41 6.19
C LYS B 41 -8.18 34.63 6.63
N ALA B 42 -6.86 34.54 6.54
CA ALA B 42 -5.97 35.63 6.93
C ALA B 42 -6.22 36.88 6.09
N ILE B 43 -6.37 36.70 4.78
CA ILE B 43 -6.63 37.83 3.90
C ILE B 43 -7.94 38.50 4.29
N LEU B 44 -8.84 37.73 4.88
CA LEU B 44 -10.13 38.23 5.30
C LEU B 44 -9.97 39.05 6.58
N ASN B 45 -9.08 38.55 7.44
CA ASN B 45 -8.80 39.17 8.73
C ASN B 45 -8.13 40.55 8.65
N LYS B 46 -7.41 40.79 7.56
CA LYS B 46 -6.71 42.06 7.35
C LYS B 46 -7.59 43.16 6.79
N GLN B 47 -8.86 42.85 6.57
CA GLN B 47 -9.79 43.83 6.01
C GLN B 47 -10.33 44.81 7.05
N THR B 48 -10.64 46.02 6.61
CA THR B 48 -11.16 47.07 7.49
C THR B 48 -12.45 47.65 6.93
N ASP B 53 -8.76 47.09 -0.29
CA ASP B 53 -8.07 46.03 -1.02
C ASP B 53 -9.03 44.87 -1.25
N LYS B 54 -10.22 45.20 -1.74
CA LYS B 54 -11.23 44.19 -2.02
C LYS B 54 -10.74 43.27 -3.13
N ALA B 55 -9.79 43.76 -3.91
CA ALA B 55 -9.22 43.00 -5.00
C ALA B 55 -8.47 41.81 -4.40
N ALA B 56 -7.74 42.06 -3.32
CA ALA B 56 -6.99 41.00 -2.63
C ALA B 56 -7.98 39.95 -2.16
N VAL B 57 -9.22 40.36 -1.96
CA VAL B 57 -10.27 39.46 -1.52
C VAL B 57 -10.78 38.65 -2.71
N ASP B 58 -10.58 39.18 -3.92
CA ASP B 58 -10.98 38.48 -5.13
C ASP B 58 -9.86 37.52 -5.46
N ARG B 59 -8.64 38.04 -5.48
CA ARG B 59 -7.45 37.24 -5.76
C ARG B 59 -7.43 35.99 -4.88
N ALA B 60 -7.80 36.17 -3.61
CA ALA B 60 -7.83 35.06 -2.67
C ALA B 60 -8.95 34.09 -3.07
N LEU B 61 -10.08 34.66 -3.51
CA LEU B 61 -11.22 33.86 -3.94
C LEU B 61 -10.81 32.99 -5.12
N GLN B 62 -10.19 33.63 -6.11
CA GLN B 62 -9.72 32.97 -7.31
C GLN B 62 -8.79 31.79 -6.99
N GLN B 63 -7.97 31.96 -5.95
CA GLN B 63 -7.03 30.92 -5.57
C GLN B 63 -7.69 29.73 -4.90
N VAL B 64 -8.71 29.98 -4.10
CA VAL B 64 -9.42 28.90 -3.42
C VAL B 64 -10.18 28.08 -4.47
N THR B 65 -10.74 28.79 -5.44
CA THR B 65 -11.50 28.15 -6.52
C THR B 65 -10.56 27.41 -7.47
N SER B 66 -9.48 28.07 -7.87
CA SER B 66 -8.52 27.47 -8.78
C SER B 66 -7.90 26.21 -8.21
N THR B 67 -7.40 26.29 -6.99
CA THR B 67 -6.78 25.14 -6.34
C THR B 67 -7.77 24.01 -6.15
N LYS B 68 -9.00 24.36 -5.78
CA LYS B 68 -10.04 23.37 -5.57
C LYS B 68 -10.33 22.60 -6.86
N ASP B 69 -10.53 23.32 -7.96
CA ASP B 69 -10.81 22.68 -9.24
C ASP B 69 -9.61 21.86 -9.69
N ALA B 70 -8.43 22.21 -9.19
CA ALA B 70 -7.21 21.50 -9.55
C ALA B 70 -7.13 20.13 -8.88
N LEU B 71 -7.87 19.95 -7.79
CA LEU B 71 -7.91 18.68 -7.08
C LEU B 71 -8.20 17.60 -8.12
N ASN B 72 -7.34 16.59 -8.22
CA ASN B 72 -7.53 15.56 -9.22
C ASN B 72 -7.69 14.12 -8.70
N GLY B 73 -8.42 13.96 -7.61
CA GLY B 73 -8.62 12.63 -7.08
C GLY B 73 -9.45 11.78 -8.02
N ASP B 74 -10.34 12.44 -8.75
CA ASP B 74 -11.21 11.75 -9.70
C ASP B 74 -10.43 11.19 -10.89
N ALA B 75 -9.38 11.90 -11.31
CA ALA B 75 -8.57 11.43 -12.43
C ALA B 75 -7.67 10.30 -11.95
N LYS B 76 -7.25 10.39 -10.69
CA LYS B 76 -6.40 9.37 -10.10
C LYS B 76 -7.15 8.06 -10.05
N LEU B 77 -8.44 8.13 -9.73
CA LEU B 77 -9.29 6.96 -9.64
C LEU B 77 -9.42 6.32 -11.02
N ALA B 78 -9.75 7.13 -12.01
CA ALA B 78 -9.90 6.67 -13.39
C ALA B 78 -8.60 6.02 -13.85
N GLU B 79 -7.48 6.56 -13.41
CA GLU B 79 -6.17 6.02 -13.77
C GLU B 79 -5.99 4.64 -13.14
N ALA B 80 -6.29 4.54 -11.85
CA ALA B 80 -6.16 3.27 -11.14
C ALA B 80 -7.04 2.20 -11.78
N LYS B 81 -8.23 2.60 -12.20
CA LYS B 81 -9.18 1.69 -12.84
C LYS B 81 -8.61 1.14 -14.14
N ALA B 82 -8.08 2.04 -14.97
CA ALA B 82 -7.50 1.65 -16.24
C ALA B 82 -6.36 0.66 -16.01
N ALA B 83 -5.51 0.98 -15.04
CA ALA B 83 -4.37 0.13 -14.70
C ALA B 83 -4.87 -1.25 -14.24
N ALA B 84 -5.84 -1.24 -13.34
CA ALA B 84 -6.41 -2.49 -12.82
C ALA B 84 -6.95 -3.36 -13.95
N ARG B 85 -7.68 -2.75 -14.88
CA ARG B 85 -8.26 -3.49 -15.99
C ARG B 85 -7.17 -4.02 -16.91
N GLN B 86 -6.12 -3.22 -17.11
CA GLN B 86 -5.01 -3.62 -17.95
C GLN B 86 -4.31 -4.83 -17.33
N ASN B 87 -4.11 -4.78 -16.02
CA ASN B 87 -3.46 -5.87 -15.30
C ASN B 87 -4.34 -7.11 -15.31
N LEU B 88 -5.65 -6.91 -15.20
CA LEU B 88 -6.58 -8.03 -15.18
C LEU B 88 -6.50 -8.84 -16.47
N GLY B 89 -6.36 -8.13 -17.60
CA GLY B 89 -6.29 -8.78 -18.88
C GLY B 89 -5.00 -9.57 -19.12
N THR B 90 -4.08 -9.51 -18.16
CA THR B 90 -2.82 -10.24 -18.30
C THR B 90 -2.83 -11.55 -17.51
N LEU B 91 -3.86 -11.75 -16.70
CA LEU B 91 -3.99 -12.98 -15.93
C LEU B 91 -4.55 -14.05 -16.86
N ASN B 92 -3.99 -15.27 -16.79
CA ASN B 92 -4.42 -16.34 -17.66
C ASN B 92 -5.02 -17.56 -16.96
N HIS B 93 -5.17 -17.49 -15.64
CA HIS B 93 -5.70 -18.65 -14.93
C HIS B 93 -7.05 -18.50 -14.21
N ILE B 94 -7.55 -17.28 -14.12
CA ILE B 94 -8.86 -17.08 -13.50
C ILE B 94 -9.90 -17.49 -14.53
N THR B 95 -11.08 -17.91 -14.06
CA THR B 95 -12.13 -18.33 -14.99
C THR B 95 -12.86 -17.10 -15.53
N ASN B 96 -13.56 -17.28 -16.64
CA ASN B 96 -14.29 -16.17 -17.24
C ASN B 96 -15.27 -15.60 -16.23
N ALA B 97 -15.77 -16.47 -15.35
CA ALA B 97 -16.72 -16.06 -14.33
C ALA B 97 -16.03 -15.15 -13.32
N GLN B 98 -14.83 -15.53 -12.90
CA GLN B 98 -14.06 -14.74 -11.94
C GLN B 98 -13.63 -13.42 -12.57
N ARG B 99 -13.14 -13.49 -13.81
CA ARG B 99 -12.71 -12.31 -14.54
C ARG B 99 -13.86 -11.30 -14.59
N THR B 100 -15.05 -11.79 -14.94
CA THR B 100 -16.24 -10.95 -15.04
C THR B 100 -16.57 -10.32 -13.70
N ALA B 101 -16.43 -11.10 -12.63
CA ALA B 101 -16.70 -10.61 -11.29
C ALA B 101 -15.67 -9.56 -10.89
N LEU B 102 -14.41 -9.78 -11.27
CA LEU B 102 -13.36 -8.84 -10.95
C LEU B 102 -13.61 -7.50 -11.67
N GLU B 103 -13.99 -7.59 -12.93
CA GLU B 103 -14.25 -6.39 -13.72
C GLU B 103 -15.34 -5.58 -13.05
N GLY B 104 -16.36 -6.27 -12.56
CA GLY B 104 -17.45 -5.60 -11.88
C GLY B 104 -16.97 -4.88 -10.64
N GLN B 105 -16.06 -5.52 -9.90
CA GLN B 105 -15.52 -4.92 -8.69
C GLN B 105 -14.73 -3.65 -9.02
N ILE B 106 -14.00 -3.68 -10.13
CA ILE B 106 -13.23 -2.52 -10.54
C ILE B 106 -14.17 -1.35 -10.86
N ASN B 107 -15.30 -1.67 -11.48
CA ASN B 107 -16.27 -0.65 -11.85
C ASN B 107 -16.96 -0.04 -10.63
N GLN B 108 -17.26 -0.88 -9.64
CA GLN B 108 -17.94 -0.43 -8.44
C GLN B 108 -17.05 0.31 -7.45
N ALA B 109 -15.74 0.11 -7.55
CA ALA B 109 -14.81 0.76 -6.65
C ALA B 109 -15.04 2.27 -6.66
N THR B 110 -14.80 2.92 -5.53
CA THR B 110 -15.00 4.37 -5.44
C THR B 110 -13.75 5.13 -4.99
N THR B 111 -12.72 4.41 -4.58
CA THR B 111 -11.47 5.03 -4.14
C THR B 111 -10.28 4.35 -4.79
N VAL B 112 -9.15 5.05 -4.84
CA VAL B 112 -7.94 4.50 -5.44
C VAL B 112 -7.48 3.25 -4.71
N ASP B 113 -7.53 3.26 -3.38
CA ASP B 113 -7.11 2.10 -2.60
C ASP B 113 -8.06 0.95 -2.86
N GLY B 114 -9.33 1.28 -3.11
CA GLY B 114 -10.33 0.27 -3.38
C GLY B 114 -10.01 -0.46 -4.68
N VAL B 115 -9.59 0.30 -5.68
CA VAL B 115 -9.24 -0.27 -6.98
C VAL B 115 -8.01 -1.16 -6.87
N ASN B 116 -6.98 -0.67 -6.19
CA ASN B 116 -5.74 -1.41 -6.01
C ASN B 116 -5.97 -2.70 -5.25
N THR B 117 -6.94 -2.70 -4.34
CA THR B 117 -7.25 -3.90 -3.57
C THR B 117 -7.81 -4.96 -4.52
N VAL B 118 -8.59 -4.52 -5.50
CA VAL B 118 -9.17 -5.44 -6.48
C VAL B 118 -8.06 -6.05 -7.31
N LYS B 119 -7.11 -5.21 -7.72
CA LYS B 119 -5.98 -5.68 -8.52
C LYS B 119 -5.18 -6.69 -7.73
N THR B 120 -4.95 -6.41 -6.44
CA THR B 120 -4.21 -7.30 -5.58
C THR B 120 -4.93 -8.63 -5.45
N ASN B 121 -6.24 -8.58 -5.20
CA ASN B 121 -7.04 -9.78 -5.06
C ASN B 121 -7.06 -10.60 -6.36
N ALA B 122 -7.15 -9.90 -7.48
CA ALA B 122 -7.17 -10.55 -8.78
C ALA B 122 -5.91 -11.36 -9.01
N ASN B 123 -4.76 -10.77 -8.65
CA ASN B 123 -3.48 -11.45 -8.82
C ASN B 123 -3.30 -12.62 -7.88
N THR B 124 -3.71 -12.46 -6.62
CA THR B 124 -3.57 -13.55 -5.66
C THR B 124 -4.52 -14.69 -6.01
N LEU B 125 -5.66 -14.35 -6.61
CA LEU B 125 -6.64 -15.36 -6.99
C LEU B 125 -6.03 -16.19 -8.11
N ASP B 126 -5.50 -15.49 -9.12
CA ASP B 126 -4.88 -16.12 -10.27
C ASP B 126 -3.76 -17.03 -9.79
N GLY B 127 -3.09 -16.62 -8.71
CA GLY B 127 -2.00 -17.43 -8.17
C GLY B 127 -2.52 -18.71 -7.56
N ALA B 128 -3.55 -18.60 -6.72
CA ALA B 128 -4.15 -19.75 -6.07
C ALA B 128 -4.63 -20.72 -7.15
N ASN B 130 -3.49 -21.09 -10.20
CA ASN B 130 -2.34 -21.75 -10.80
C ASN B 130 -1.79 -22.85 -9.89
N SER B 131 -1.86 -22.62 -8.58
CA SER B 131 -1.38 -23.61 -7.63
C SER B 131 -2.30 -24.81 -7.64
N LEU B 132 -3.60 -24.56 -7.74
CA LEU B 132 -4.59 -25.63 -7.77
C LEU B 132 -4.37 -26.50 -9.00
N GLN B 133 -4.05 -25.87 -10.12
CA GLN B 133 -3.79 -26.59 -11.36
C GLN B 133 -2.57 -27.49 -11.16
N GLY B 134 -1.52 -26.91 -10.59
CA GLY B 134 -0.31 -27.67 -10.35
C GLY B 134 -0.52 -28.85 -9.42
N ALA B 135 -1.61 -28.80 -8.66
CA ALA B 135 -1.91 -29.85 -7.70
C ALA B 135 -2.47 -31.11 -8.37
N ILE B 136 -3.05 -30.95 -9.55
CA ILE B 136 -3.62 -32.09 -10.26
C ILE B 136 -2.88 -32.48 -11.54
N ASN B 137 -1.72 -31.87 -11.79
CA ASN B 137 -0.94 -32.17 -12.98
C ASN B 137 -0.54 -33.65 -13.05
N ASP B 138 -0.31 -34.27 -11.89
CA ASP B 138 0.08 -35.68 -11.85
C ASP B 138 -1.12 -36.60 -11.63
N LYS B 139 -2.27 -36.18 -12.13
CA LYS B 139 -3.51 -36.95 -12.00
C LYS B 139 -3.40 -38.33 -12.64
N ASP B 140 -3.10 -38.36 -13.93
CA ASP B 140 -2.99 -39.63 -14.66
C ASP B 140 -2.04 -40.59 -13.99
N ALA B 141 -0.83 -40.11 -13.71
CA ALA B 141 0.19 -40.93 -13.06
C ALA B 141 -0.34 -41.54 -11.77
N THR B 142 -0.94 -40.70 -10.93
CA THR B 142 -1.47 -41.16 -9.65
C THR B 142 -2.53 -42.24 -9.82
N LEU B 143 -3.48 -42.00 -10.73
CA LEU B 143 -4.57 -42.93 -10.98
C LEU B 143 -4.16 -44.33 -11.42
N ARG B 144 -3.05 -44.46 -12.12
CA ARG B 144 -2.60 -45.76 -12.60
C ARG B 144 -1.51 -46.34 -11.71
N ASN B 145 -1.34 -45.76 -10.52
CA ASN B 145 -0.34 -46.23 -9.58
C ASN B 145 -0.96 -47.17 -8.54
N GLN B 146 -0.21 -48.20 -8.15
CA GLN B 146 -0.68 -49.17 -7.17
C GLN B 146 -1.06 -48.52 -5.84
N ASN B 147 -0.37 -47.45 -5.48
CA ASN B 147 -0.66 -46.76 -4.23
C ASN B 147 -2.08 -46.20 -4.26
N TYR B 148 -2.60 -45.97 -5.45
CA TYR B 148 -3.96 -45.48 -5.60
C TYR B 148 -4.92 -46.66 -5.81
N LEU B 149 -4.58 -47.51 -6.78
CA LEU B 149 -5.43 -48.66 -7.09
C LEU B 149 -5.76 -49.52 -5.88
N ASP B 150 -4.76 -49.78 -5.03
CA ASP B 150 -4.99 -50.60 -3.84
C ASP B 150 -5.36 -49.79 -2.60
N ALA B 151 -5.57 -48.49 -2.77
CA ALA B 151 -5.96 -47.64 -1.65
C ALA B 151 -7.39 -47.94 -1.24
N ASP B 152 -7.71 -47.71 0.03
CA ASP B 152 -9.06 -47.96 0.52
C ASP B 152 -10.06 -47.29 -0.42
N GLU B 153 -11.23 -47.91 -0.56
CA GLU B 153 -12.28 -47.40 -1.43
C GLU B 153 -12.58 -45.93 -1.11
N SER B 154 -12.71 -45.63 0.17
CA SER B 154 -13.03 -44.28 0.62
C SER B 154 -11.93 -43.26 0.29
N LYS B 155 -10.68 -43.71 0.34
CA LYS B 155 -9.56 -42.82 0.05
C LYS B 155 -9.44 -42.53 -1.45
N ARG B 156 -9.74 -43.53 -2.27
CA ARG B 156 -9.69 -43.34 -3.72
C ARG B 156 -10.77 -42.34 -4.11
N ASN B 157 -11.95 -42.50 -3.51
CA ASN B 157 -13.08 -41.63 -3.79
C ASN B 157 -12.73 -40.19 -3.42
N ALA B 158 -12.13 -40.04 -2.24
CA ALA B 158 -11.76 -38.71 -1.76
C ALA B 158 -10.83 -38.01 -2.75
N TYR B 159 -9.88 -38.75 -3.31
CA TYR B 159 -8.95 -38.18 -4.27
C TYR B 159 -9.61 -37.89 -5.61
N THR B 160 -10.50 -38.79 -6.02
CA THR B 160 -11.20 -38.60 -7.30
C THR B 160 -12.23 -37.48 -7.19
N GLN B 161 -12.82 -37.34 -6.01
CA GLN B 161 -13.81 -36.30 -5.78
C GLN B 161 -13.10 -34.95 -5.79
N ALA B 162 -11.99 -34.89 -5.05
CA ALA B 162 -11.20 -33.67 -4.94
C ALA B 162 -10.60 -33.23 -6.28
N VAL B 163 -10.10 -34.19 -7.05
CA VAL B 163 -9.52 -33.88 -8.35
C VAL B 163 -10.59 -33.34 -9.31
N THR B 164 -11.69 -34.07 -9.44
CA THR B 164 -12.77 -33.65 -10.33
C THR B 164 -13.30 -32.28 -9.95
N ALA B 165 -13.41 -32.03 -8.66
CA ALA B 165 -13.89 -30.75 -8.18
C ALA B 165 -12.92 -29.66 -8.60
N ALA B 166 -11.63 -29.98 -8.51
CA ALA B 166 -10.57 -29.05 -8.88
C ALA B 166 -10.60 -28.72 -10.36
N GLU B 167 -10.81 -29.74 -11.19
CA GLU B 167 -10.86 -29.54 -12.63
C GLU B 167 -12.06 -28.68 -13.02
N GLY B 168 -13.12 -28.79 -12.24
CA GLY B 168 -14.32 -28.00 -12.51
C GLY B 168 -14.08 -26.55 -12.17
N ILE B 169 -13.25 -26.32 -11.16
CA ILE B 169 -12.91 -24.96 -10.71
C ILE B 169 -11.91 -24.31 -11.66
N LEU B 170 -11.05 -25.13 -12.26
CA LEU B 170 -10.01 -24.65 -13.15
C LEU B 170 -10.37 -24.29 -14.59
N ASN B 171 -11.44 -24.86 -15.13
CA ASN B 171 -11.80 -24.56 -16.52
C ASN B 171 -12.20 -23.11 -16.70
N LYS B 172 -11.38 -22.38 -17.47
CA LYS B 172 -11.64 -20.97 -17.74
C LYS B 172 -13.01 -20.72 -18.34
N GLN B 173 -13.47 -21.63 -19.19
CA GLN B 173 -14.75 -21.48 -19.84
C GLN B 173 -15.97 -21.85 -19.00
N THR B 174 -15.82 -22.87 -18.16
CA THR B 174 -16.94 -23.33 -17.35
C THR B 174 -16.89 -23.08 -15.85
N GLY B 175 -15.68 -22.87 -15.31
CA GLY B 175 -15.55 -22.62 -13.88
C GLY B 175 -16.36 -21.42 -13.41
N GLY B 176 -16.84 -21.47 -12.17
CA GLY B 176 -17.62 -20.38 -11.64
C GLY B 176 -16.74 -19.29 -11.05
N ASN B 177 -17.34 -18.40 -10.26
CA ASN B 177 -16.61 -17.31 -9.62
C ASN B 177 -16.17 -17.77 -8.23
N THR B 178 -15.25 -18.72 -8.20
CA THR B 178 -14.78 -19.27 -6.94
C THR B 178 -13.89 -18.31 -6.16
N SER B 179 -14.21 -18.10 -4.90
CA SER B 179 -13.44 -17.20 -4.04
C SER B 179 -12.04 -17.76 -3.83
N LYS B 180 -11.12 -16.90 -3.40
CA LYS B 180 -9.74 -17.32 -3.15
C LYS B 180 -9.71 -18.44 -2.11
N ALA B 181 -10.43 -18.24 -0.99
CA ALA B 181 -10.49 -19.23 0.09
C ALA B 181 -11.01 -20.59 -0.38
N ASP B 182 -12.04 -20.60 -1.22
CA ASP B 182 -12.59 -21.84 -1.71
C ASP B 182 -11.60 -22.53 -2.64
N VAL B 183 -10.80 -21.72 -3.34
CA VAL B 183 -9.78 -22.28 -4.23
C VAL B 183 -8.77 -23.03 -3.37
N ASP B 184 -8.43 -22.43 -2.23
CA ASP B 184 -7.46 -23.02 -1.30
C ASP B 184 -7.99 -24.30 -0.67
N ASN B 185 -9.26 -24.31 -0.29
CA ASN B 185 -9.86 -25.50 0.32
C ASN B 185 -9.75 -26.63 -0.69
N ALA B 186 -10.15 -26.34 -1.93
CA ALA B 186 -10.11 -27.31 -3.01
C ALA B 186 -8.68 -27.81 -3.18
N LEU B 187 -7.72 -26.89 -3.07
CA LEU B 187 -6.30 -27.22 -3.21
C LEU B 187 -5.87 -28.15 -2.06
N ASN B 188 -6.25 -27.80 -0.84
CA ASN B 188 -5.90 -28.61 0.32
C ASN B 188 -6.51 -30.01 0.24
N ALA B 189 -7.70 -30.11 -0.34
CA ALA B 189 -8.38 -31.39 -0.49
C ALA B 189 -7.59 -32.34 -1.37
N VAL B 190 -7.13 -31.85 -2.51
CA VAL B 190 -6.35 -32.67 -3.43
C VAL B 190 -5.06 -33.15 -2.77
N THR B 191 -4.33 -32.21 -2.18
CA THR B 191 -3.07 -32.53 -1.50
C THR B 191 -3.25 -33.58 -0.41
N ARG B 192 -4.23 -33.35 0.47
CA ARG B 192 -4.48 -34.29 1.56
C ARG B 192 -4.97 -35.64 1.08
N ALA B 193 -5.83 -35.62 0.06
CA ALA B 193 -6.37 -36.86 -0.48
C ALA B 193 -5.30 -37.69 -1.18
N LYS B 194 -4.43 -37.04 -1.94
CA LYS B 194 -3.37 -37.75 -2.65
C LYS B 194 -2.38 -38.33 -1.66
N ALA B 195 -2.00 -37.55 -0.66
CA ALA B 195 -1.06 -37.99 0.36
C ALA B 195 -1.69 -39.07 1.23
N ALA B 196 -3.01 -39.11 1.26
CA ALA B 196 -3.73 -40.08 2.07
C ALA B 196 -3.80 -41.47 1.43
N LEU B 197 -3.65 -41.52 0.11
CA LEU B 197 -3.68 -42.80 -0.60
C LEU B 197 -2.78 -43.81 0.14
N ASN B 198 -3.36 -44.92 0.54
CA ASN B 198 -2.63 -45.94 1.30
C ASN B 198 -2.53 -47.31 0.62
N GLY B 199 -2.51 -47.33 -0.71
CA GLY B 199 -2.41 -48.58 -1.43
C GLY B 199 -1.13 -49.30 -1.05
N ALA B 200 -0.09 -48.51 -0.78
CA ALA B 200 1.20 -49.06 -0.39
C ALA B 200 1.09 -49.79 0.94
N GLU B 201 0.38 -49.18 1.89
CA GLU B 201 0.18 -49.76 3.21
C GLU B 201 -0.69 -51.00 3.15
N ASN B 202 -1.77 -50.94 2.39
CA ASN B 202 -2.67 -52.09 2.26
C ASN B 202 -1.92 -53.31 1.75
N LEU B 203 -1.00 -53.09 0.82
CA LEU B 203 -0.22 -54.19 0.26
C LEU B 203 0.68 -54.82 1.31
N ARG B 204 1.36 -53.98 2.08
CA ARG B 204 2.25 -54.47 3.13
C ARG B 204 1.47 -55.14 4.25
N ASN B 205 0.26 -54.63 4.50
CA ASN B 205 -0.59 -55.21 5.54
C ASN B 205 -1.08 -56.57 5.07
N ALA B 206 -1.32 -56.70 3.77
CA ALA B 206 -1.78 -57.94 3.18
C ALA B 206 -0.70 -59.00 3.17
N LYS B 207 0.52 -58.59 2.83
CA LYS B 207 1.66 -59.52 2.80
C LYS B 207 1.87 -60.10 4.20
N THR B 208 1.88 -59.22 5.21
CA THR B 208 2.07 -59.65 6.59
C THR B 208 0.93 -60.55 7.04
N SER B 209 -0.29 -60.18 6.67
CA SER B 209 -1.46 -60.96 7.04
C SER B 209 -1.40 -62.33 6.39
N ALA B 210 -0.98 -62.36 5.13
CA ALA B 210 -0.86 -63.61 4.39
C ALA B 210 0.27 -64.44 4.98
N THR B 211 1.39 -63.79 5.28
CA THR B 211 2.54 -64.47 5.85
C THR B 211 2.17 -65.18 7.16
N ASN B 212 1.40 -64.49 8.01
CA ASN B 212 0.98 -65.08 9.28
C ASN B 212 0.10 -66.29 9.04
N THR B 213 -0.86 -66.15 8.13
CA THR B 213 -1.76 -67.26 7.78
C THR B 213 -0.92 -68.45 7.32
N ILE B 214 0.14 -68.15 6.57
CA ILE B 214 1.06 -69.15 6.05
C ILE B 214 1.71 -69.88 7.22
N ASN B 215 2.54 -69.15 7.97
CA ASN B 215 3.25 -69.68 9.13
C ASN B 215 2.43 -70.60 10.03
N GLY B 216 1.10 -70.53 9.94
CA GLY B 216 0.28 -71.36 10.80
C GLY B 216 -0.59 -72.45 10.19
N LEU B 217 -0.82 -72.44 8.88
CA LEU B 217 -1.68 -73.46 8.30
C LEU B 217 -1.03 -74.85 8.37
N PRO B 218 -1.61 -75.71 9.23
CA PRO B 218 -1.27 -77.09 9.59
C PRO B 218 -0.99 -78.13 8.53
N ASN B 219 -1.41 -77.86 7.29
CA ASN B 219 -1.21 -78.87 6.26
C ASN B 219 -0.24 -78.62 5.10
N LEU B 220 0.93 -78.09 5.42
CA LEU B 220 1.99 -77.86 4.43
C LEU B 220 3.29 -78.09 5.18
N THR B 221 4.38 -77.48 4.72
CA THR B 221 5.66 -77.72 5.37
C THR B 221 6.54 -76.48 5.50
N GLN B 222 7.34 -76.46 6.56
CA GLN B 222 8.24 -75.34 6.79
C GLN B 222 8.95 -75.12 5.47
N LEU B 223 9.15 -76.20 4.74
CA LEU B 223 9.83 -76.18 3.45
C LEU B 223 8.93 -75.86 2.24
N GLN B 224 7.66 -76.29 2.26
CA GLN B 224 6.76 -76.00 1.11
C GLN B 224 6.08 -74.61 1.23
N LYS B 225 6.26 -73.95 2.36
CA LYS B 225 5.63 -72.65 2.50
C LYS B 225 6.54 -71.54 2.99
N ASP B 226 7.83 -71.82 3.08
CA ASP B 226 8.80 -70.83 3.50
C ASP B 226 8.99 -70.07 2.19
N ASN B 227 8.62 -70.78 1.12
CA ASN B 227 8.70 -70.27 -0.24
C ASN B 227 7.39 -69.63 -0.76
N LEU B 228 6.28 -69.92 -0.08
CA LEU B 228 5.00 -69.34 -0.48
C LEU B 228 5.04 -67.94 0.12
N LYS B 229 5.71 -67.83 1.27
CA LYS B 229 5.86 -66.56 1.96
C LYS B 229 6.70 -65.68 1.03
N HIS B 230 7.67 -66.31 0.38
CA HIS B 230 8.55 -65.62 -0.55
C HIS B 230 7.72 -65.06 -1.70
N GLN B 231 6.81 -65.87 -2.22
CA GLN B 231 5.93 -65.47 -3.30
C GLN B 231 5.08 -64.31 -2.81
N VAL B 232 4.61 -64.40 -1.57
CA VAL B 232 3.79 -63.37 -0.96
C VAL B 232 4.53 -62.04 -0.94
N GLU B 233 5.78 -62.08 -0.47
CA GLU B 233 6.60 -60.87 -0.39
C GLU B 233 6.90 -60.29 -1.76
N GLN B 234 6.92 -61.16 -2.77
CA GLN B 234 7.22 -60.73 -4.14
C GLN B 234 6.03 -60.18 -4.92
N ALA B 235 4.83 -60.30 -4.37
CA ALA B 235 3.62 -59.80 -5.04
C ALA B 235 3.68 -58.29 -5.18
N GLN B 236 3.08 -57.76 -6.25
CA GLN B 236 3.09 -56.32 -6.48
C GLN B 236 1.82 -55.57 -6.09
N ASN B 237 0.75 -56.31 -5.81
CA ASN B 237 -0.51 -55.69 -5.40
C ASN B 237 -1.29 -56.62 -4.47
N VAL B 238 -2.40 -56.16 -3.93
CA VAL B 238 -3.19 -56.96 -3.00
C VAL B 238 -3.75 -58.25 -3.59
N VAL B 239 -4.27 -58.20 -4.80
CA VAL B 239 -4.83 -59.40 -5.42
C VAL B 239 -3.74 -60.43 -5.61
N GLY B 240 -2.52 -59.96 -5.88
CA GLY B 240 -1.39 -60.87 -6.06
C GLY B 240 -1.10 -61.65 -4.80
N VAL B 241 -1.11 -60.95 -3.66
CA VAL B 241 -0.85 -61.59 -2.38
C VAL B 241 -1.97 -62.59 -2.13
N ASN B 242 -3.18 -62.21 -2.52
CA ASN B 242 -4.35 -63.08 -2.35
C ASN B 242 -4.22 -64.27 -3.28
N GLY B 243 -3.62 -64.05 -4.44
CA GLY B 243 -3.45 -65.13 -5.40
C GLY B 243 -2.62 -66.28 -4.85
N VAL B 244 -1.50 -65.95 -4.21
CA VAL B 244 -0.63 -66.97 -3.63
C VAL B 244 -1.31 -67.65 -2.44
N LYS B 245 -2.10 -66.88 -1.72
CA LYS B 245 -2.80 -67.37 -0.53
C LYS B 245 -3.65 -68.62 -0.69
N ASP B 246 -4.51 -68.67 -1.71
CA ASP B 246 -5.36 -69.85 -1.85
C ASP B 246 -4.50 -71.08 -2.08
N LYS B 247 -3.24 -70.85 -2.44
CA LYS B 247 -2.30 -71.95 -2.63
C LYS B 247 -1.98 -72.37 -1.19
N GLY B 248 -2.97 -72.28 -0.32
CA GLY B 248 -2.78 -72.64 1.07
C GLY B 248 -3.82 -73.64 1.53
N ASN B 249 -4.91 -73.75 0.77
CA ASN B 249 -5.96 -74.69 1.11
C ASN B 249 -6.20 -75.62 -0.06
#